data_3PB4
#
_entry.id   3PB4
#
_cell.length_a   53.158
_cell.length_b   68.610
_cell.length_c   77.410
_cell.angle_alpha   90.00
_cell.angle_beta   90.00
_cell.angle_gamma   90.00
#
_symmetry.space_group_name_H-M   'P 21 21 21'
#
loop_
_entity.id
_entity.type
_entity.pdbx_description
1 polymer 'Glutaminyl-peptide cyclotransferase-like protein'
2 non-polymer 'ZINC ION'
3 water water
#
_entity_poly.entity_id   1
_entity_poly.type   'polypeptide(L)'
_entity_poly.pdbx_seq_one_letter_code
;SGWHRRTEELPLGRELRVPLIGSLPEARLRRVVGQLDPQRLWSTYLRPLLVVRTPGSPGNLQVRKFLEATLRSLTAGWHV
ELDPFTASTPLGPVDFGNVVATLDPRAARHLTLACHYDSKLFPPGSTPFVGATDSAVPCALLLELAQALDLELSRAKKQA
APVTLQLLFLDGEEALKEWGPKDSLYGSRHLAQLMESIPHSPGPTRIQAIELFMLLDLLGAPNPTFYSHFPRTVRWFHRL
RSIEKRLHRLNLLQSHPQEVMYFQPGEPFGSVEDDHIPFLRRGVPVLHLISTPFPAVWHTPADTEVNLHPPTVHNLCRIL
AVFLAEYLGL
;
_entity_poly.pdbx_strand_id   X
#
loop_
_chem_comp.id
_chem_comp.type
_chem_comp.name
_chem_comp.formula
ZN non-polymer 'ZINC ION' 'Zn 2'
#
# COMPACT_ATOMS: atom_id res chain seq x y z
N LEU A 20 25.26 -3.98 -2.51
CA LEU A 20 25.17 -4.87 -1.28
C LEU A 20 24.75 -6.26 -1.69
N ILE A 21 25.12 -7.27 -0.90
CA ILE A 21 24.61 -8.63 -1.16
C ILE A 21 23.04 -8.61 -1.27
N GLY A 22 22.55 -9.35 -2.29
CA GLY A 22 21.12 -9.65 -2.62
C GLY A 22 20.47 -8.44 -3.30
N SER A 23 21.30 -7.46 -3.62
CA SER A 23 20.88 -6.29 -4.35
C SER A 23 20.88 -6.63 -5.81
N LEU A 24 20.08 -5.88 -6.53
CA LEU A 24 20.04 -6.14 -7.99
C LEU A 24 21.35 -5.66 -8.61
N PRO A 25 21.91 -6.41 -9.55
CA PRO A 25 22.98 -5.85 -10.37
C PRO A 25 22.43 -4.59 -11.05
N GLU A 26 23.31 -3.62 -11.32
CA GLU A 26 22.88 -2.33 -11.81
C GLU A 26 22.06 -2.42 -13.08
N ALA A 27 22.54 -3.24 -13.95
CA ALA A 27 21.85 -3.52 -15.16
C ALA A 27 20.42 -4.07 -14.93
N ARG A 28 20.19 -4.92 -13.96
CA ARG A 28 18.81 -5.42 -13.71
C ARG A 28 17.97 -4.26 -13.06
N LEU A 29 18.60 -3.44 -12.26
CA LEU A 29 17.92 -2.35 -11.61
C LEU A 29 17.45 -1.32 -12.63
N ARG A 30 18.26 -0.94 -13.61
CA ARG A 30 17.84 0.05 -14.55
C ARG A 30 16.73 -0.45 -15.42
N ARG A 31 16.74 -1.75 -15.75
CA ARG A 31 15.63 -2.37 -16.46
C ARG A 31 14.34 -2.32 -15.68
N VAL A 32 14.40 -2.64 -14.38
CA VAL A 32 13.22 -2.64 -13.55
C VAL A 32 12.63 -1.20 -13.49
N VAL A 33 13.48 -0.25 -13.21
CA VAL A 33 13.02 1.16 -13.14
C VAL A 33 12.45 1.57 -14.45
N GLY A 34 13.02 1.13 -15.56
CA GLY A 34 12.56 1.47 -16.88
C GLY A 34 11.22 0.87 -17.23
N GLN A 35 10.71 -0.13 -16.51
CA GLN A 35 9.41 -0.68 -16.75
C GLN A 35 8.27 0.11 -16.13
N LEU A 36 8.62 1.03 -15.23
CA LEU A 36 7.63 1.96 -14.66
C LEU A 36 7.23 3.00 -15.70
N ASP A 37 5.99 3.44 -15.67
CA ASP A 37 5.48 4.40 -16.63
C ASP A 37 4.81 5.50 -15.78
N PRO A 38 5.45 6.65 -15.64
CA PRO A 38 4.90 7.71 -14.78
C PRO A 38 3.52 8.17 -15.21
N GLN A 39 3.29 8.29 -16.53
CA GLN A 39 1.99 8.69 -17.00
C GLN A 39 0.91 7.67 -16.71
N ARG A 40 1.24 6.39 -16.81
CA ARG A 40 0.31 5.34 -16.45
C ARG A 40 -0.04 5.41 -14.98
N LEU A 41 0.98 5.52 -14.13
CA LEU A 41 0.69 5.67 -12.69
C LEU A 41 -0.26 6.81 -12.46
N TRP A 42 0.02 7.96 -13.07
CA TRP A 42 -0.73 9.17 -12.75
C TRP A 42 -2.17 9.12 -13.31
N SER A 43 -2.28 8.77 -14.59
CA SER A 43 -3.56 8.90 -15.30
C SER A 43 -4.41 7.64 -15.22
N THR A 44 -3.77 6.47 -15.31
CA THR A 44 -4.53 5.21 -15.33
C THR A 44 -4.83 4.70 -13.95
N TYR A 45 -3.96 4.94 -12.96
CA TYR A 45 -4.10 4.37 -11.62
C TYR A 45 -4.48 5.40 -10.61
N LEU A 46 -3.90 6.60 -10.59
CA LEU A 46 -4.17 7.60 -9.55
C LEU A 46 -5.40 8.41 -9.86
N ARG A 47 -5.45 9.06 -11.04
CA ARG A 47 -6.56 9.97 -11.31
C ARG A 47 -7.93 9.35 -11.10
N PRO A 48 -8.20 8.12 -11.53
CA PRO A 48 -9.56 7.58 -11.36
C PRO A 48 -9.95 7.42 -9.90
N LEU A 49 -9.00 7.35 -8.99
CA LEU A 49 -9.30 7.16 -7.56
C LEU A 49 -9.68 8.44 -6.89
N LEU A 50 -9.39 9.59 -7.49
CA LEU A 50 -9.50 10.89 -6.81
C LEU A 50 -10.92 11.42 -6.81
N VAL A 51 -11.80 10.65 -6.17
CA VAL A 51 -13.23 10.94 -6.02
C VAL A 51 -13.58 10.71 -4.59
N VAL A 52 -14.69 11.30 -4.14
CA VAL A 52 -15.20 10.97 -2.85
C VAL A 52 -15.59 9.49 -2.81
N ARG A 53 -15.12 8.78 -1.78
CA ARG A 53 -15.21 7.33 -1.75
C ARG A 53 -15.33 6.87 -0.31
N THR A 54 -16.27 7.50 0.40
CA THR A 54 -16.57 7.16 1.78
C THR A 54 -17.28 5.79 1.82
N PRO A 55 -17.14 5.03 2.90
CA PRO A 55 -17.75 3.68 2.91
C PRO A 55 -19.24 3.73 2.61
N GLY A 56 -19.65 2.81 1.77
CA GLY A 56 -21.06 2.69 1.41
C GLY A 56 -21.47 3.57 0.28
N SER A 57 -20.64 4.54 -0.12
CA SER A 57 -21.05 5.46 -1.18
C SER A 57 -20.97 4.85 -2.54
N PRO A 58 -21.68 5.42 -3.54
CA PRO A 58 -21.46 5.01 -4.92
C PRO A 58 -20.04 5.15 -5.36
N GLY A 59 -19.37 6.27 -4.99
CA GLY A 59 -18.00 6.45 -5.39
C GLY A 59 -17.10 5.37 -4.84
N ASN A 60 -17.28 4.98 -3.59
CA ASN A 60 -16.51 3.91 -3.02
C ASN A 60 -16.72 2.60 -3.77
N LEU A 61 -17.99 2.31 -4.10
CA LEU A 61 -18.29 1.08 -4.89
C LEU A 61 -17.63 1.13 -6.24
N GLN A 62 -17.68 2.29 -6.91
CA GLN A 62 -17.04 2.46 -8.21
C GLN A 62 -15.54 2.29 -8.10
N VAL A 63 -14.91 2.82 -7.07
CA VAL A 63 -13.49 2.60 -6.88
C VAL A 63 -13.16 1.13 -6.62
N ARG A 64 -13.99 0.48 -5.79
CA ARG A 64 -13.82 -0.97 -5.56
C ARG A 64 -13.82 -1.72 -6.90
N LYS A 65 -14.83 -1.45 -7.74
CA LYS A 65 -14.93 -2.15 -9.00
C LYS A 65 -13.78 -1.84 -9.91
N PHE A 66 -13.29 -0.60 -9.89
CA PHE A 66 -12.12 -0.19 -10.69
C PHE A 66 -10.89 -0.96 -10.22
N LEU A 67 -10.66 -1.05 -8.92
CA LEU A 67 -9.51 -1.81 -8.41
C LEU A 67 -9.63 -3.26 -8.86
N GLU A 68 -10.80 -3.89 -8.66
CA GLU A 68 -10.99 -5.28 -9.03
C GLU A 68 -10.71 -5.50 -10.48
N ALA A 69 -11.30 -4.68 -11.37
CA ALA A 69 -11.15 -4.89 -12.80
C ALA A 69 -9.70 -4.68 -13.22
N THR A 70 -9.05 -3.68 -12.65
CA THR A 70 -7.66 -3.41 -12.99
C THR A 70 -6.82 -4.59 -12.58
N LEU A 71 -7.00 -5.12 -11.38
CA LEU A 71 -6.21 -6.22 -10.93
C LEU A 71 -6.47 -7.48 -11.74
N ARG A 72 -7.74 -7.75 -12.10
CA ARG A 72 -8.04 -8.90 -12.92
C ARG A 72 -7.45 -8.84 -14.31
N SER A 73 -7.14 -7.66 -14.80
CA SER A 73 -6.61 -7.45 -16.13
C SER A 73 -5.13 -7.79 -16.22
N LEU A 74 -4.43 -7.88 -15.09
CA LEU A 74 -2.99 -8.14 -15.12
C LEU A 74 -2.78 -9.51 -15.70
N THR A 75 -1.82 -9.65 -16.62
CA THR A 75 -1.67 -10.92 -17.33
C THR A 75 -1.16 -12.03 -16.45
N ALA A 76 -0.54 -11.72 -15.29
CA ALA A 76 -0.09 -12.74 -14.41
C ALA A 76 -1.18 -13.58 -13.85
N GLY A 77 -2.42 -13.11 -13.90
CA GLY A 77 -3.57 -13.96 -13.52
C GLY A 77 -3.73 -14.06 -11.99
N TRP A 78 -3.83 -12.89 -11.32
CA TRP A 78 -4.01 -12.86 -9.91
C TRP A 78 -5.33 -13.44 -9.48
N HIS A 79 -5.38 -14.01 -8.26
CA HIS A 79 -6.63 -14.35 -7.63
C HIS A 79 -7.16 -13.09 -6.93
N VAL A 80 -8.29 -12.57 -7.35
CA VAL A 80 -8.81 -11.35 -6.82
C VAL A 80 -10.17 -11.62 -6.20
N GLU A 81 -10.32 -11.31 -4.92
CA GLU A 81 -11.56 -11.56 -4.24
C GLU A 81 -11.95 -10.42 -3.34
N LEU A 82 -13.22 -10.22 -3.19
CA LEU A 82 -13.77 -9.29 -2.23
C LEU A 82 -14.01 -9.93 -0.90
N ASP A 83 -13.83 -9.16 0.19
CA ASP A 83 -14.28 -9.50 1.53
C ASP A 83 -15.33 -8.50 1.91
N PRO A 84 -16.61 -8.76 1.56
CA PRO A 84 -17.71 -7.81 1.87
C PRO A 84 -18.36 -8.17 3.15
N PHE A 85 -18.80 -7.16 3.87
CA PHE A 85 -19.47 -7.37 5.15
C PHE A 85 -20.20 -6.11 5.54
N THR A 86 -21.12 -6.24 6.49
CA THR A 86 -21.84 -5.08 7.02
C THR A 86 -21.43 -4.94 8.47
N ALA A 87 -21.17 -3.70 8.92
CA ALA A 87 -20.79 -3.45 10.31
C ALA A 87 -21.58 -2.29 10.84
N SER A 88 -21.75 -2.30 12.14
CA SER A 88 -22.29 -1.15 12.85
C SER A 88 -21.30 0.04 12.87
N THR A 89 -21.82 1.20 12.68
CA THR A 89 -21.04 2.44 12.66
C THR A 89 -21.84 3.49 13.37
N PRO A 90 -21.24 4.65 13.65
CA PRO A 90 -22.02 5.76 14.25
C PRO A 90 -23.14 6.23 13.41
N LEU A 91 -23.10 5.90 12.06
CA LEU A 91 -24.16 6.23 11.06
C LEU A 91 -25.14 5.04 10.82
N GLY A 92 -25.11 3.99 11.69
CA GLY A 92 -25.89 2.84 11.45
C GLY A 92 -25.15 1.80 10.67
N PRO A 93 -25.83 0.76 10.22
CA PRO A 93 -25.13 -0.29 9.45
C PRO A 93 -24.59 0.25 8.16
N VAL A 94 -23.36 -0.12 7.82
CA VAL A 94 -22.72 0.26 6.57
C VAL A 94 -22.01 -0.97 6.04
N ASP A 95 -22.06 -1.09 4.70
CA ASP A 95 -21.35 -2.16 4.02
C ASP A 95 -19.90 -1.73 3.72
N PHE A 96 -19.00 -2.65 3.86
CA PHE A 96 -17.56 -2.48 3.59
C PHE A 96 -17.11 -3.60 2.68
N GLY A 97 -16.07 -3.39 1.91
CA GLY A 97 -15.58 -4.44 1.05
C GLY A 97 -14.07 -4.31 0.87
N ASN A 98 -13.30 -5.22 1.42
CA ASN A 98 -11.84 -5.21 1.17
C ASN A 98 -11.56 -5.89 -0.13
N VAL A 99 -10.63 -5.39 -0.93
CA VAL A 99 -10.19 -6.05 -2.16
C VAL A 99 -8.88 -6.76 -1.88
N VAL A 100 -8.88 -8.08 -2.07
CA VAL A 100 -7.75 -8.91 -1.75
C VAL A 100 -7.21 -9.57 -3.00
N ALA A 101 -6.00 -9.26 -3.40
CA ALA A 101 -5.39 -9.81 -4.62
C ALA A 101 -4.20 -10.63 -4.19
N THR A 102 -4.22 -11.93 -4.50
CA THR A 102 -3.13 -12.83 -4.15
C THR A 102 -2.61 -13.42 -5.44
N LEU A 103 -1.35 -13.19 -5.80
CA LEU A 103 -0.87 -13.58 -7.11
C LEU A 103 -0.96 -15.10 -7.32
N ASP A 104 -0.41 -15.84 -6.33
CA ASP A 104 -0.46 -17.29 -6.42
C ASP A 104 -1.04 -17.80 -5.09
N PRO A 105 -2.34 -18.12 -5.05
CA PRO A 105 -2.96 -18.59 -3.82
C PRO A 105 -2.43 -19.91 -3.37
N ARG A 106 -1.71 -20.65 -4.21
CA ARG A 106 -1.15 -21.91 -3.73
C ARG A 106 0.16 -21.75 -2.99
N ALA A 107 0.79 -20.60 -3.12
CA ALA A 107 2.10 -20.48 -2.49
C ALA A 107 2.03 -20.51 -0.98
N ALA A 108 3.07 -21.05 -0.36
CA ALA A 108 3.09 -21.16 1.10
C ALA A 108 2.93 -19.77 1.75
N ARG A 109 3.65 -18.78 1.31
CA ARG A 109 3.61 -17.49 1.99
C ARG A 109 3.66 -16.37 0.98
N HIS A 110 3.51 -15.14 1.49
CA HIS A 110 3.55 -13.96 0.60
C HIS A 110 4.05 -12.75 1.36
N LEU A 111 4.73 -11.92 0.60
CA LEU A 111 4.83 -10.50 0.94
C LEU A 111 3.50 -9.85 0.73
N THR A 112 2.99 -9.13 1.72
CA THR A 112 1.71 -8.43 1.60
C THR A 112 1.98 -6.94 1.62
N LEU A 113 1.53 -6.25 0.59
CA LEU A 113 1.53 -4.79 0.57
C LEU A 113 0.09 -4.31 0.72
N ALA A 114 -0.12 -3.29 1.55
CA ALA A 114 -1.46 -2.89 1.89
C ALA A 114 -1.61 -1.38 1.87
N CYS A 115 -2.86 -0.95 1.75
CA CYS A 115 -3.25 0.45 1.83
C CYS A 115 -4.76 0.49 2.01
N HIS A 116 -5.32 1.68 2.23
CA HIS A 116 -6.76 1.81 2.30
C HIS A 116 -7.29 2.59 1.12
N TYR A 117 -8.44 2.18 0.58
CA TYR A 117 -9.02 2.85 -0.59
C TYR A 117 -10.21 3.74 -0.25
N ASP A 118 -10.77 3.65 0.96
CA ASP A 118 -11.82 4.58 1.36
C ASP A 118 -11.23 5.99 1.53
N SER A 119 -12.13 6.98 1.48
CA SER A 119 -11.78 8.34 1.88
C SER A 119 -12.57 8.70 3.10
N LYS A 120 -12.01 9.60 3.90
CA LYS A 120 -12.59 10.02 5.16
C LYS A 120 -13.83 10.88 4.92
N LEU A 121 -14.91 10.54 5.66
CA LEU A 121 -16.15 11.29 5.57
C LEU A 121 -16.03 12.62 6.30
N PHE A 122 -16.38 13.69 5.63
CA PHE A 122 -16.52 15.00 6.20
C PHE A 122 -17.98 15.37 6.17
N PRO A 123 -18.37 16.37 7.00
CA PRO A 123 -19.72 16.86 7.01
C PRO A 123 -20.16 17.49 5.74
N PRO A 124 -21.49 17.41 5.56
CA PRO A 124 -22.15 17.87 4.41
C PRO A 124 -21.89 19.37 4.35
N GLY A 125 -21.72 19.82 3.14
CA GLY A 125 -21.56 21.24 2.95
C GLY A 125 -20.09 21.62 3.15
N SER A 126 -19.17 20.68 3.42
CA SER A 126 -17.71 20.88 3.43
C SER A 126 -17.17 20.83 1.97
N THR A 127 -16.00 21.40 1.82
CA THR A 127 -15.21 21.16 0.57
C THR A 127 -14.85 19.56 0.46
N PRO A 128 -15.32 18.94 -0.62
CA PRO A 128 -15.13 17.49 -0.68
C PRO A 128 -13.65 17.00 -0.49
N PHE A 129 -13.50 16.00 0.31
CA PHE A 129 -12.22 15.40 0.64
C PHE A 129 -12.00 14.16 -0.20
N VAL A 130 -10.88 14.15 -0.95
CA VAL A 130 -10.54 13.02 -1.78
C VAL A 130 -9.25 12.33 -1.32
N GLY A 131 -8.58 12.77 -0.26
CA GLY A 131 -7.49 11.98 0.30
C GLY A 131 -6.46 11.56 -0.75
N ALA A 132 -5.82 12.54 -1.39
CA ALA A 132 -4.82 12.19 -2.42
C ALA A 132 -3.63 11.43 -1.83
N THR A 133 -3.09 11.91 -0.69
CA THR A 133 -2.02 11.16 -0.02
C THR A 133 -2.53 10.01 0.81
N ASP A 134 -3.86 10.06 1.09
CA ASP A 134 -4.48 9.35 2.20
C ASP A 134 -5.77 8.69 1.68
N SER A 135 -5.67 7.62 0.88
CA SER A 135 -4.46 6.94 0.44
C SER A 135 -4.54 6.63 -1.05
N ALA A 136 -4.97 7.61 -1.86
CA ALA A 136 -5.03 7.37 -3.29
C ALA A 136 -3.67 7.07 -3.88
N VAL A 137 -2.62 7.84 -3.49
CA VAL A 137 -1.27 7.58 -4.00
C VAL A 137 -0.80 6.17 -3.60
N PRO A 138 -0.90 5.77 -2.31
CA PRO A 138 -0.57 4.36 -1.97
C PRO A 138 -1.27 3.37 -2.86
N CYS A 139 -2.59 3.53 -3.11
CA CYS A 139 -3.32 2.58 -3.95
C CYS A 139 -2.70 2.54 -5.34
N ALA A 140 -2.47 3.72 -5.93
CA ALA A 140 -1.94 3.79 -7.28
C ALA A 140 -0.56 3.18 -7.38
N LEU A 141 0.28 3.38 -6.37
CA LEU A 141 1.60 2.77 -6.36
C LEU A 141 1.49 1.27 -6.42
N LEU A 142 0.58 0.66 -5.66
CA LEU A 142 0.49 -0.79 -5.72
C LEU A 142 0.07 -1.27 -7.09
N LEU A 143 -0.88 -0.59 -7.74
CA LEU A 143 -1.30 -0.95 -9.07
C LEU A 143 -0.16 -0.83 -10.07
N GLU A 144 0.59 0.26 -10.00
CA GLU A 144 1.69 0.45 -10.92
C GLU A 144 2.76 -0.59 -10.72
N LEU A 145 3.09 -0.93 -9.49
CA LEU A 145 4.11 -1.97 -9.25
C LEU A 145 3.66 -3.29 -9.85
N ALA A 146 2.38 -3.66 -9.64
CA ALA A 146 1.90 -4.93 -10.16
C ALA A 146 1.94 -4.95 -11.67
N GLN A 147 1.62 -3.84 -12.32
CA GLN A 147 1.66 -3.78 -13.77
C GLN A 147 3.10 -3.76 -14.27
N ALA A 148 3.96 -2.91 -13.72
CA ALA A 148 5.33 -2.77 -14.21
C ALA A 148 6.09 -4.09 -14.09
N LEU A 149 5.81 -4.86 -13.07
CA LEU A 149 6.50 -6.14 -12.82
C LEU A 149 5.67 -7.33 -13.26
N ASP A 150 4.64 -7.10 -14.08
CA ASP A 150 3.70 -8.16 -14.41
C ASP A 150 4.40 -9.38 -15.09
N LEU A 151 5.30 -9.13 -16.04
CA LEU A 151 5.95 -10.30 -16.71
C LEU A 151 6.77 -11.12 -15.74
N GLU A 152 7.53 -10.45 -14.88
CA GLU A 152 8.33 -11.13 -13.90
C GLU A 152 7.53 -11.85 -12.87
N LEU A 153 6.43 -11.21 -12.42
CA LEU A 153 5.53 -11.88 -11.47
C LEU A 153 4.86 -13.11 -12.11
N SER A 154 4.45 -12.98 -13.37
CA SER A 154 3.86 -14.11 -14.06
C SER A 154 4.84 -15.26 -14.14
N ARG A 155 6.09 -14.95 -14.44
CA ARG A 155 7.06 -16.05 -14.51
C ARG A 155 7.33 -16.69 -13.16
N ALA A 156 7.41 -15.88 -12.09
CA ALA A 156 7.62 -16.45 -10.77
C ALA A 156 6.47 -17.38 -10.37
N LYS A 157 5.23 -16.99 -10.64
CA LYS A 157 4.10 -17.84 -10.37
C LYS A 157 4.18 -19.12 -11.18
N LYS A 158 4.55 -19.01 -12.47
CA LYS A 158 4.59 -20.21 -13.30
C LYS A 158 5.67 -21.17 -12.74
N GLN A 159 6.73 -20.66 -12.15
CA GLN A 159 7.77 -21.46 -11.49
C GLN A 159 7.42 -21.88 -10.11
N ALA A 160 6.17 -21.66 -9.66
CA ALA A 160 5.74 -22.04 -8.31
C ALA A 160 6.72 -21.49 -7.28
N ALA A 161 7.07 -20.21 -7.36
CA ALA A 161 7.89 -19.60 -6.33
C ALA A 161 7.22 -19.78 -4.98
N PRO A 162 8.02 -20.06 -3.87
CA PRO A 162 7.29 -20.38 -2.58
C PRO A 162 6.87 -19.13 -1.89
N VAL A 163 7.33 -17.94 -2.31
CA VAL A 163 6.83 -16.68 -1.69
C VAL A 163 6.23 -15.89 -2.79
N THR A 164 4.94 -15.60 -2.70
CA THR A 164 4.24 -14.82 -3.72
C THR A 164 4.00 -13.38 -3.23
N LEU A 165 3.17 -12.65 -3.95
CA LEU A 165 2.83 -11.27 -3.61
C LEU A 165 1.32 -11.20 -3.37
N GLN A 166 0.94 -10.42 -2.39
CA GLN A 166 -0.46 -10.12 -2.08
C GLN A 166 -0.62 -8.63 -1.94
N LEU A 167 -1.68 -8.11 -2.48
CA LEU A 167 -2.05 -6.67 -2.35
C LEU A 167 -3.37 -6.58 -1.65
N LEU A 168 -3.45 -5.79 -0.62
CA LEU A 168 -4.69 -5.54 0.12
C LEU A 168 -5.09 -4.11 -0.07
N PHE A 169 -6.33 -3.89 -0.55
CA PHE A 169 -6.92 -2.55 -0.63
C PHE A 169 -8.06 -2.56 0.36
N LEU A 170 -7.82 -1.98 1.55
CA LEU A 170 -8.71 -2.09 2.67
C LEU A 170 -9.75 -1.00 2.62
N ASP A 171 -10.98 -1.36 3.00
CA ASP A 171 -12.07 -0.40 3.11
C ASP A 171 -12.16 0.08 4.54
N GLY A 172 -12.81 1.22 4.73
CA GLY A 172 -13.19 1.65 6.08
C GLY A 172 -12.03 1.87 7.04
N GLU A 173 -10.84 2.29 6.58
CA GLU A 173 -9.81 2.61 7.56
C GLU A 173 -10.23 3.81 8.39
N GLU A 174 -10.84 4.80 7.74
CA GLU A 174 -11.11 6.11 8.39
C GLU A 174 -12.29 5.99 9.29
N ALA A 175 -12.30 6.80 10.34
CA ALA A 175 -13.51 6.99 11.16
C ALA A 175 -14.58 7.63 10.35
N LEU A 176 -15.85 7.25 10.57
CA LEU A 176 -16.95 7.91 9.91
C LEU A 176 -17.36 9.21 10.59
N LYS A 177 -17.20 9.25 11.93
CA LYS A 177 -17.62 10.43 12.71
C LYS A 177 -16.64 10.72 13.81
N GLU A 178 -15.40 10.18 13.71
CA GLU A 178 -14.41 10.28 14.80
C GLU A 178 -15.04 9.89 16.15
N TRP A 179 -15.85 8.83 16.13
CA TRP A 179 -16.69 8.48 17.23
C TRP A 179 -16.10 7.36 18.05
N GLY A 180 -14.93 7.61 18.61
CA GLY A 180 -14.26 6.66 19.49
C GLY A 180 -13.48 5.61 18.80
N PRO A 181 -12.86 4.75 19.61
CA PRO A 181 -11.86 3.84 19.09
C PRO A 181 -12.40 2.72 18.17
N LYS A 182 -13.69 2.40 18.25
CA LYS A 182 -14.26 1.39 17.42
C LYS A 182 -14.83 1.98 16.16
N ASP A 183 -14.76 3.29 15.96
CA ASP A 183 -15.13 3.91 14.69
C ASP A 183 -13.87 4.12 13.87
N SER A 184 -13.30 3.04 13.38
CA SER A 184 -12.02 3.08 12.63
C SER A 184 -11.69 1.64 12.23
N LEU A 185 -10.82 1.50 11.23
CA LEU A 185 -10.20 0.22 10.91
C LEU A 185 -11.26 -0.86 10.68
N TYR A 186 -12.37 -0.51 10.04
CA TYR A 186 -13.41 -1.49 9.86
C TYR A 186 -12.94 -2.65 9.02
N GLY A 187 -12.35 -2.32 7.87
CA GLY A 187 -11.91 -3.33 6.92
C GLY A 187 -10.79 -4.21 7.42
N SER A 188 -9.75 -3.60 7.98
CA SER A 188 -8.62 -4.38 8.49
C SER A 188 -9.00 -5.24 9.68
N ARG A 189 -9.83 -4.74 10.60
CA ARG A 189 -10.26 -5.58 11.69
C ARG A 189 -11.01 -6.79 11.16
N HIS A 190 -11.91 -6.58 10.21
CA HIS A 190 -12.67 -7.69 9.67
C HIS A 190 -11.77 -8.67 8.93
N LEU A 191 -10.87 -8.15 8.08
CA LEU A 191 -10.07 -9.05 7.26
C LEU A 191 -9.12 -9.86 8.11
N ALA A 192 -8.51 -9.28 9.14
CA ALA A 192 -7.60 -10.05 9.97
C ALA A 192 -8.38 -11.19 10.68
N GLN A 193 -9.58 -10.89 11.19
CA GLN A 193 -10.39 -11.93 11.80
C GLN A 193 -10.75 -12.97 10.77
N LEU A 194 -11.10 -12.58 9.59
CA LEU A 194 -11.47 -13.57 8.52
C LEU A 194 -10.26 -14.44 8.21
N MET A 195 -9.09 -13.85 7.99
CA MET A 195 -7.91 -14.64 7.63
C MET A 195 -7.56 -15.61 8.72
N GLU A 196 -7.78 -15.29 9.96
CA GLU A 196 -7.48 -16.19 11.07
C GLU A 196 -8.44 -17.40 11.02
N SER A 197 -9.58 -17.27 10.37
CA SER A 197 -10.52 -18.36 10.29
C SER A 197 -10.39 -19.23 9.08
N ILE A 198 -9.48 -18.88 8.18
CA ILE A 198 -9.36 -19.60 6.93
C ILE A 198 -8.10 -20.41 6.88
N PRO A 199 -8.17 -21.74 6.66
CA PRO A 199 -6.97 -22.56 6.64
C PRO A 199 -6.11 -22.19 5.46
N HIS A 200 -4.80 -22.38 5.63
CA HIS A 200 -3.87 -22.22 4.54
C HIS A 200 -2.76 -23.24 4.75
N SER A 201 -2.12 -23.64 3.65
CA SER A 201 -1.04 -24.66 3.71
C SER A 201 0.32 -23.96 3.45
N PRO A 202 1.30 -24.09 4.34
CA PRO A 202 1.26 -24.80 5.61
C PRO A 202 0.52 -24.03 6.72
N GLY A 203 0.44 -22.69 6.61
CA GLY A 203 -0.45 -21.96 7.53
C GLY A 203 0.02 -22.05 8.95
N PRO A 204 -0.93 -22.36 9.87
CA PRO A 204 -2.14 -23.10 9.57
C PRO A 204 -3.29 -22.25 9.07
N THR A 205 -3.19 -20.92 9.17
CA THR A 205 -4.25 -20.05 8.69
C THR A 205 -3.68 -19.02 7.73
N ARG A 206 -4.51 -18.28 7.08
CA ARG A 206 -4.04 -17.23 6.15
C ARG A 206 -3.24 -16.15 6.89
N ILE A 207 -3.45 -15.96 8.19
CA ILE A 207 -2.58 -14.99 8.91
C ILE A 207 -1.14 -15.39 8.84
N GLN A 208 -0.82 -16.69 9.04
CA GLN A 208 0.58 -17.10 9.05
C GLN A 208 1.19 -17.13 7.67
N ALA A 209 0.39 -17.04 6.60
CA ALA A 209 0.91 -16.94 5.26
C ALA A 209 1.56 -15.58 5.01
N ILE A 210 1.28 -14.57 5.83
CA ILE A 210 1.87 -13.27 5.59
C ILE A 210 3.27 -13.22 6.15
N GLU A 211 4.28 -13.22 5.26
CA GLU A 211 5.64 -13.23 5.69
C GLU A 211 6.06 -11.86 6.21
N LEU A 212 5.57 -10.79 5.59
CA LEU A 212 5.81 -9.43 5.94
C LEU A 212 4.61 -8.63 5.50
N PHE A 213 4.10 -7.73 6.32
CA PHE A 213 2.97 -6.86 6.01
C PHE A 213 3.53 -5.43 5.89
N MET A 214 3.61 -4.89 4.70
CA MET A 214 4.13 -3.57 4.45
C MET A 214 2.96 -2.64 4.17
N LEU A 215 2.64 -1.73 5.08
CA LEU A 215 1.49 -0.85 4.95
C LEU A 215 1.96 0.51 4.43
N LEU A 216 1.45 0.93 3.30
CA LEU A 216 1.76 2.23 2.72
C LEU A 216 0.67 3.20 3.09
N ASP A 217 1.00 4.37 3.64
CA ASP A 217 -0.02 5.35 4.04
C ASP A 217 0.57 6.73 4.02
N LEU A 218 -0.23 7.72 3.63
CA LEU A 218 0.18 9.13 3.72
C LEU A 218 1.41 9.38 2.86
N LEU A 219 1.29 9.05 1.57
CA LEU A 219 2.39 9.18 0.61
C LEU A 219 1.99 10.10 -0.50
N GLY A 220 3.00 10.85 -1.04
CA GLY A 220 2.83 11.70 -2.19
C GLY A 220 3.02 13.18 -1.91
N ALA A 221 3.06 13.58 -0.65
CA ALA A 221 3.37 14.97 -0.30
C ALA A 221 4.88 15.19 -0.50
N PRO A 222 5.28 16.46 -0.66
CA PRO A 222 6.72 16.78 -0.69
C PRO A 222 7.34 16.53 0.70
N ASN A 223 8.62 16.18 0.70
CA ASN A 223 9.42 16.09 1.91
C ASN A 223 8.86 15.11 2.96
N PRO A 224 8.49 13.89 2.57
CA PRO A 224 8.06 12.93 3.60
C PRO A 224 9.31 12.50 4.41
N THR A 225 9.04 12.02 5.63
CA THR A 225 10.05 11.38 6.45
C THR A 225 9.47 10.11 7.00
N PHE A 226 10.24 9.03 6.88
CA PHE A 226 9.89 7.70 7.34
C PHE A 226 10.86 7.25 8.39
N TYR A 227 10.39 6.61 9.45
CA TYR A 227 11.21 6.00 10.48
C TYR A 227 10.83 4.57 10.63
N SER A 228 11.72 3.74 11.15
CA SER A 228 11.39 2.37 11.48
C SER A 228 10.56 2.33 12.75
N HIS A 229 9.35 1.80 12.70
CA HIS A 229 8.46 1.71 13.85
C HIS A 229 8.58 0.39 14.57
N PHE A 230 9.19 -0.62 13.97
CA PHE A 230 9.18 -1.97 14.52
C PHE A 230 10.60 -2.53 14.41
N PRO A 231 11.27 -2.69 15.56
CA PRO A 231 12.60 -3.30 15.54
C PRO A 231 12.59 -4.63 14.85
N ARG A 232 11.52 -5.43 14.96
CA ARG A 232 11.46 -6.73 14.32
C ARG A 232 11.78 -6.69 12.83
N THR A 233 11.34 -5.62 12.16
CA THR A 233 11.44 -5.53 10.70
C THR A 233 12.43 -4.46 10.24
N VAL A 234 13.32 -4.00 11.12
CA VAL A 234 14.20 -2.91 10.74
C VAL A 234 15.09 -3.31 9.57
N ARG A 235 15.40 -4.59 9.37
CA ARG A 235 16.30 -4.94 8.25
C ARG A 235 15.66 -4.47 6.92
N TRP A 236 14.33 -4.54 6.80
CA TRP A 236 13.68 -4.09 5.57
C TRP A 236 13.66 -2.59 5.46
N PHE A 237 13.56 -1.88 6.60
CA PHE A 237 13.68 -0.44 6.61
C PHE A 237 15.07 -0.03 6.13
N HIS A 238 16.11 -0.72 6.62
CA HIS A 238 17.47 -0.43 6.15
C HIS A 238 17.61 -0.69 4.67
N ARG A 239 16.95 -1.74 4.16
CA ARG A 239 16.99 -2.01 2.72
C ARG A 239 16.38 -0.84 1.95
N LEU A 240 15.22 -0.35 2.36
CA LEU A 240 14.62 0.81 1.70
C LEU A 240 15.56 2.01 1.70
N ARG A 241 16.17 2.25 2.83
CA ARG A 241 17.11 3.38 2.94
C ARG A 241 18.29 3.18 1.97
N SER A 242 18.82 1.97 1.92
CA SER A 242 19.92 1.70 1.01
C SER A 242 19.53 1.87 -0.45
N ILE A 243 18.29 1.49 -0.78
CA ILE A 243 17.79 1.66 -2.12
C ILE A 243 17.64 3.16 -2.44
N GLU A 244 17.14 3.98 -1.52
CA GLU A 244 17.07 5.41 -1.74
C GLU A 244 18.46 5.96 -2.07
N LYS A 245 19.45 5.64 -1.24
CA LYS A 245 20.79 6.14 -1.46
C LYS A 245 21.34 5.67 -2.82
N ARG A 246 21.13 4.42 -3.16
CA ARG A 246 21.65 3.87 -4.41
C ARG A 246 21.02 4.59 -5.62
N LEU A 247 19.68 4.72 -5.59
CA LEU A 247 19.01 5.41 -6.71
C LEU A 247 19.45 6.84 -6.80
N HIS A 248 19.67 7.49 -5.69
CA HIS A 248 20.20 8.87 -5.70
C HIS A 248 21.57 8.88 -6.47
N ARG A 249 22.47 8.00 -6.07
CA ARG A 249 23.81 8.02 -6.67
C ARG A 249 23.82 7.57 -8.10
N LEU A 250 22.83 6.79 -8.55
CA LEU A 250 22.67 6.37 -9.93
C LEU A 250 21.99 7.38 -10.82
N ASN A 251 21.64 8.55 -10.23
CA ASN A 251 20.93 9.58 -11.02
C ASN A 251 19.56 9.12 -11.48
N LEU A 252 18.85 8.44 -10.56
CA LEU A 252 17.54 7.91 -10.85
C LEU A 252 16.45 8.56 -9.98
N LEU A 253 16.77 9.53 -9.17
CA LEU A 253 15.73 10.25 -8.40
C LEU A 253 15.69 11.67 -8.86
N GLN A 254 14.53 12.29 -8.78
CA GLN A 254 14.30 13.67 -9.16
C GLN A 254 14.00 14.52 -7.97
N SER A 255 14.40 15.81 -8.00
CA SER A 255 14.13 16.71 -6.92
C SER A 255 14.54 16.13 -5.59
N HIS A 256 15.75 15.54 -5.56
CA HIS A 256 16.22 14.78 -4.40
C HIS A 256 17.65 15.20 -4.15
N PRO A 257 17.87 16.43 -3.61
CA PRO A 257 19.23 16.96 -3.59
C PRO A 257 20.16 16.34 -2.60
N GLN A 258 19.64 15.78 -1.49
CA GLN A 258 20.51 15.13 -0.51
C GLN A 258 20.41 13.62 -0.72
N GLU A 259 21.46 12.92 -0.37
CA GLU A 259 21.55 11.47 -0.60
C GLU A 259 20.44 10.73 0.13
N VAL A 260 20.21 11.10 1.37
CA VAL A 260 19.11 10.52 2.13
C VAL A 260 18.18 11.62 2.51
N MET A 261 16.93 11.51 2.12
CA MET A 261 15.92 12.47 2.51
C MET A 261 14.73 11.77 3.16
N TYR A 262 14.28 10.68 2.63
CA TYR A 262 13.02 10.09 3.08
C TYR A 262 13.21 9.16 4.23
N PHE A 263 14.11 8.18 4.12
CA PHE A 263 14.25 7.14 5.11
C PHE A 263 15.26 7.52 6.17
N GLN A 264 14.78 7.96 7.30
CA GLN A 264 15.59 8.54 8.34
C GLN A 264 15.91 7.54 9.42
N PRO A 265 17.06 7.77 10.09
CA PRO A 265 17.49 6.87 11.14
C PRO A 265 16.79 7.28 12.46
N GLY A 266 16.87 6.36 13.44
CA GLY A 266 16.40 6.72 14.73
C GLY A 266 14.99 6.42 14.97
N GLU A 267 14.75 6.71 16.27
CA GLU A 267 13.45 6.48 16.85
C GLU A 267 12.43 7.29 16.09
N PRO A 268 11.24 6.74 16.01
CA PRO A 268 10.24 7.42 15.25
C PRO A 268 9.86 8.78 15.86
N PHE A 269 9.52 9.73 14.99
CA PHE A 269 8.91 10.91 15.41
C PHE A 269 7.66 10.56 16.20
N GLY A 270 6.88 9.61 15.78
CA GLY A 270 5.66 9.16 16.52
C GLY A 270 5.08 7.92 15.80
N SER A 271 4.40 7.04 16.53
CA SER A 271 3.74 5.88 15.89
C SER A 271 2.34 5.95 15.99
N VAL A 272 1.62 5.34 14.92
CA VAL A 272 0.06 5.59 14.94
C VAL A 272 -0.73 4.42 14.55
N GLU A 273 -1.87 4.38 15.13
CA GLU A 273 -2.85 3.41 14.81
C GLU A 273 -3.19 3.44 13.34
N ASP A 274 -3.29 2.26 12.71
CA ASP A 274 -3.54 2.17 11.25
C ASP A 274 -3.93 0.72 11.00
N ASP A 275 -4.12 0.43 9.71
CA ASP A 275 -4.60 -0.86 9.25
C ASP A 275 -3.69 -2.03 9.61
N HIS A 276 -2.44 -1.79 9.98
CA HIS A 276 -1.58 -2.89 10.40
C HIS A 276 -1.97 -3.46 11.74
N ILE A 277 -2.64 -2.68 12.60
CA ILE A 277 -2.81 -3.11 13.99
C ILE A 277 -3.48 -4.46 14.14
N PRO A 278 -4.59 -4.75 13.43
CA PRO A 278 -5.20 -6.05 13.61
C PRO A 278 -4.33 -7.21 13.23
N PHE A 279 -3.41 -6.98 12.29
CA PHE A 279 -2.43 -7.99 11.89
C PHE A 279 -1.28 -8.09 12.89
N LEU A 280 -0.74 -6.94 13.30
CA LEU A 280 0.29 -6.92 14.32
C LEU A 280 -0.11 -7.68 15.57
N ARG A 281 -1.35 -7.46 15.99
CA ARG A 281 -1.81 -8.09 17.23
C ARG A 281 -1.93 -9.60 17.11
N ARG A 282 -1.98 -10.14 15.89
CA ARG A 282 -2.03 -11.55 15.64
C ARG A 282 -0.63 -12.12 15.28
N GLY A 283 0.43 -11.36 15.47
CA GLY A 283 1.77 -11.83 15.30
C GLY A 283 2.37 -11.60 13.94
N VAL A 284 1.69 -10.89 13.05
CA VAL A 284 2.23 -10.67 11.73
C VAL A 284 3.35 -9.64 11.79
N PRO A 285 4.50 -9.86 11.16
CA PRO A 285 5.52 -8.80 11.13
C PRO A 285 5.11 -7.65 10.24
N VAL A 286 5.29 -6.43 10.71
CA VAL A 286 4.84 -5.23 10.01
C VAL A 286 5.98 -4.28 9.78
N LEU A 287 5.98 -3.65 8.57
CA LEU A 287 6.75 -2.44 8.29
C LEU A 287 5.71 -1.37 7.95
N HIS A 288 5.72 -0.24 8.65
CA HIS A 288 4.71 0.80 8.51
C HIS A 288 5.31 1.96 7.71
N LEU A 289 5.06 2.01 6.42
CA LEU A 289 5.62 3.01 5.54
C LEU A 289 4.65 4.21 5.45
N ILE A 290 4.76 5.07 6.45
CA ILE A 290 3.88 6.21 6.64
C ILE A 290 4.75 7.42 6.96
N SER A 291 4.44 8.57 6.35
CA SER A 291 5.17 9.77 6.68
C SER A 291 4.83 10.23 8.11
N THR A 292 5.89 10.50 8.90
CA THR A 292 5.72 11.12 10.23
C THR A 292 6.83 12.15 10.33
N PRO A 293 6.55 13.45 10.47
CA PRO A 293 5.20 14.03 10.54
C PRO A 293 4.38 13.75 9.29
N PHE A 294 3.06 13.82 9.52
CA PHE A 294 2.08 13.66 8.44
C PHE A 294 2.21 14.78 7.41
N PRO A 295 1.68 14.60 6.23
CA PRO A 295 1.60 15.69 5.28
C PRO A 295 0.95 16.92 5.88
N ALA A 296 1.37 18.10 5.43
CA ALA A 296 0.77 19.33 5.87
C ALA A 296 -0.74 19.36 5.65
N VAL A 297 -1.19 18.76 4.54
CA VAL A 297 -2.59 18.76 4.17
C VAL A 297 -3.42 17.75 4.94
N TRP A 298 -2.84 16.93 5.82
CA TRP A 298 -3.53 15.80 6.41
C TRP A 298 -4.87 16.14 6.99
N HIS A 299 -5.89 15.36 6.57
CA HIS A 299 -7.23 15.49 7.12
C HIS A 299 -7.81 16.87 6.91
N THR A 300 -7.42 17.51 5.82
CA THR A 300 -8.06 18.69 5.32
C THR A 300 -8.41 18.45 3.89
N PRO A 301 -9.41 19.18 3.37
CA PRO A 301 -9.77 19.06 1.96
C PRO A 301 -8.75 19.52 1.02
N ALA A 302 -7.61 20.13 1.46
CA ALA A 302 -6.50 20.44 0.56
C ALA A 302 -5.65 19.20 0.24
N ASP A 303 -6.02 18.02 0.72
CA ASP A 303 -5.28 16.78 0.37
C ASP A 303 -5.76 16.33 -0.99
N THR A 304 -5.23 16.98 -2.04
CA THR A 304 -5.69 16.88 -3.40
C THR A 304 -4.54 16.63 -4.37
N GLU A 305 -4.89 16.34 -5.62
CA GLU A 305 -3.90 16.13 -6.67
C GLU A 305 -2.93 17.28 -6.81
N VAL A 306 -3.44 18.53 -6.78
CA VAL A 306 -2.55 19.66 -7.09
C VAL A 306 -1.51 19.80 -6.02
N ASN A 307 -1.76 19.36 -4.79
CA ASN A 307 -0.80 19.47 -3.68
C ASN A 307 0.14 18.30 -3.55
N LEU A 308 -0.04 17.25 -4.37
CA LEU A 308 0.96 16.18 -4.46
C LEU A 308 2.23 16.76 -5.04
N HIS A 309 3.35 16.08 -4.81
CA HIS A 309 4.65 16.45 -5.43
C HIS A 309 5.00 15.31 -6.37
N PRO A 310 4.75 15.45 -7.70
CA PRO A 310 4.95 14.33 -8.60
C PRO A 310 6.32 13.70 -8.52
N PRO A 311 7.42 14.49 -8.47
CA PRO A 311 8.74 13.82 -8.41
C PRO A 311 8.85 12.90 -7.23
N THR A 312 8.29 13.28 -6.10
CA THR A 312 8.35 12.42 -4.92
C THR A 312 7.56 11.14 -5.13
N VAL A 313 6.33 11.28 -5.73
CA VAL A 313 5.54 10.09 -6.05
C VAL A 313 6.35 9.08 -6.86
N HIS A 314 6.98 9.61 -7.96
CA HIS A 314 7.73 8.69 -8.84
C HIS A 314 8.98 8.14 -8.17
N ASN A 315 9.65 8.99 -7.34
CA ASN A 315 10.79 8.50 -6.58
C ASN A 315 10.39 7.33 -5.67
N LEU A 316 9.29 7.47 -4.95
CA LEU A 316 8.82 6.38 -4.09
C LEU A 316 8.50 5.14 -4.91
N CYS A 317 7.86 5.34 -6.09
CA CYS A 317 7.57 4.21 -6.95
C CYS A 317 8.84 3.43 -7.32
N ARG A 318 9.89 4.20 -7.69
CA ARG A 318 11.17 3.58 -8.05
C ARG A 318 11.79 2.84 -6.90
N ILE A 319 11.79 3.43 -5.70
CA ILE A 319 12.32 2.75 -4.52
C ILE A 319 11.59 1.45 -4.27
N LEU A 320 10.25 1.52 -4.32
CA LEU A 320 9.45 0.32 -4.07
C LEU A 320 9.63 -0.73 -5.11
N ALA A 321 9.77 -0.34 -6.37
CA ALA A 321 9.97 -1.33 -7.43
C ALA A 321 11.23 -2.13 -7.21
N VAL A 322 12.32 -1.43 -6.90
CA VAL A 322 13.56 -2.13 -6.61
C VAL A 322 13.41 -3.00 -5.37
N PHE A 323 12.77 -2.50 -4.31
CA PHE A 323 12.55 -3.32 -3.14
C PHE A 323 11.82 -4.60 -3.49
N LEU A 324 10.73 -4.49 -4.25
CA LEU A 324 9.94 -5.66 -4.59
C LEU A 324 10.73 -6.66 -5.40
N ALA A 325 11.49 -6.14 -6.38
CA ALA A 325 12.29 -7.05 -7.24
C ALA A 325 13.34 -7.74 -6.38
N GLU A 326 13.96 -7.06 -5.47
CA GLU A 326 14.97 -7.70 -4.61
C GLU A 326 14.30 -8.69 -3.67
N TYR A 327 13.19 -8.33 -3.04
CA TYR A 327 12.56 -9.21 -2.07
C TYR A 327 12.12 -10.51 -2.70
N LEU A 328 11.53 -10.42 -3.87
CA LEU A 328 10.97 -11.61 -4.54
C LEU A 328 11.94 -12.23 -5.56
N GLY A 329 13.14 -11.68 -5.71
CA GLY A 329 14.09 -12.27 -6.70
C GLY A 329 13.56 -12.21 -8.11
N LEU A 330 13.03 -11.08 -8.53
CA LEU A 330 12.48 -10.84 -9.87
C LEU A 330 13.54 -10.33 -10.83
ZN ZN B . -6.70 9.71 6.92
#